data_8UAU
#
_entry.id   8UAU
#
_cell.length_a   1.00
_cell.length_b   1.00
_cell.length_c   1.00
_cell.angle_alpha   90.00
_cell.angle_beta   90.00
_cell.angle_gamma   90.00
#
_symmetry.space_group_name_H-M   'P 1'
#
loop_
_entity.id
_entity.type
_entity.pdbx_description
1 polymer 'Isoform ATE1-2 of Arginyl-tRNA--protein transferase 1'
2 polymer substrate
3 polymer 'RNA (76-MER)'
4 non-polymer 'ZINC ION'
#
loop_
_entity_poly.entity_id
_entity_poly.type
_entity_poly.pdbx_seq_one_letter_code
_entity_poly.pdbx_strand_id
1 'polypeptide(L)'
;GPAFWAGGSPSVVDYFPSEDFYRCGYCKNESGSRSNGMWAHSMTVQDYQDLIDRGWRRSGKYVYKPVMNQTCCPQYTIRC
RPLQFQPSKSHKKVLKKMLKFLAKGEVPKGSCEDEPMDSTMDDAVAGDFALINKLDIQCDLKTLSDDIKESLESEGKNSK
KEEPQELLQSQDFVGEKLGSGEPSHSVKVHTVPKPGKGADLSKPPCRKAKEIRKERKRLKLMQQNPAGELEGFQAQGHPP
SLFPPKAKSNQPKSLEDLIFESLPENASHKLEVRLVPVSFEDPEFKSSFSQSFSLYVKYQVAIHQDPPDECGKTEFTRFL
CSSPLEAETPPNGPDCGYGSFHQQYWLDGKIIAVGVIDILPNCVSSVYLYYDPDYSFLSLGVYSALREIAFTRQLHEKTS
QLSYYYMGFYIHSCPKMKYKGQYRPSDLLCPETYVWVPIEQCLPSLENSKYCRFNQDPEAVDEDRSTEPDRLQVFHKRAI
MPYGVYKKQQKDPSEEAAVLQYASLVGQKCSERMLLFRN
;
A
2 'polypeptide(L)' DDIAALVVDNGS S
3 'polyribonucleotide' GGCUCUGUGGCGCAAUGGAUAGCGCAUUGGACUUCUAAUUCAAAGGUUGUGGGUUCGAAUCCCACCAGAGUCGCCA R
#
loop_
_chem_comp.id
_chem_comp.type
_chem_comp.name
_chem_comp.formula
A RNA linking ADENOSINE-5'-MONOPHOSPHATE 'C10 H14 N5 O7 P'
C RNA linking CYTIDINE-5'-MONOPHOSPHATE 'C9 H14 N3 O8 P'
G RNA linking GUANOSINE-5'-MONOPHOSPHATE 'C10 H14 N5 O8 P'
U RNA linking URIDINE-5'-MONOPHOSPHATE 'C9 H13 N2 O9 P'
ZN non-polymer 'ZINC ION' 'Zn 2'
#
# COMPACT_ATOMS: atom_id res chain seq x y z
N PHE A 21 4.25 29.64 7.76
CA PHE A 21 4.99 28.39 7.81
C PHE A 21 4.22 27.38 8.67
N TYR A 22 4.03 26.18 8.13
CA TYR A 22 3.23 25.18 8.81
C TYR A 22 3.99 24.57 9.98
N ARG A 23 3.28 23.80 10.79
CA ARG A 23 3.84 23.26 12.02
C ARG A 23 4.77 22.09 11.71
N CYS A 24 5.87 22.02 12.46
CA CYS A 24 6.83 20.92 12.39
C CYS A 24 6.88 20.27 13.77
N GLY A 25 6.08 19.22 13.97
CA GLY A 25 6.13 18.51 15.23
C GLY A 25 7.24 17.49 15.19
N TYR A 26 8.41 17.92 15.61
CA TYR A 26 9.67 17.19 15.44
C TYR A 26 10.71 17.91 16.28
N CYS A 27 11.97 17.57 16.05
CA CYS A 27 13.09 18.39 16.49
C CYS A 27 12.73 19.87 16.41
N LYS A 28 12.95 20.58 17.52
CA LYS A 28 12.59 21.99 17.59
C LYS A 28 13.58 22.83 16.79
N ASN A 29 13.05 23.70 15.94
CA ASN A 29 13.88 24.56 15.10
C ASN A 29 12.99 25.60 14.44
N GLU A 30 13.63 26.65 13.94
CA GLU A 30 12.97 27.70 13.17
C GLU A 30 13.23 27.41 11.69
N SER A 31 12.25 26.86 11.01
CA SER A 31 12.38 26.41 9.62
C SER A 31 11.67 27.39 8.71
N GLY A 32 12.39 27.87 7.70
CA GLY A 32 11.81 28.73 6.68
C GLY A 32 11.96 28.14 5.29
N SER A 33 10.84 27.71 4.71
CA SER A 33 10.84 27.10 3.38
C SER A 33 9.40 26.91 2.96
N ARG A 34 9.17 27.00 1.64
CA ARG A 34 7.81 26.91 1.11
C ARG A 34 7.84 26.20 -0.23
N SER A 35 6.85 25.33 -0.44
CA SER A 35 6.57 24.74 -1.75
C SER A 35 5.42 25.53 -2.34
N ASN A 36 5.74 26.52 -3.17
CA ASN A 36 4.73 27.43 -3.68
C ASN A 36 3.64 26.66 -4.42
N GLY A 37 2.39 26.94 -4.07
CA GLY A 37 1.27 26.23 -4.66
C GLY A 37 0.92 26.75 -6.05
N MET A 38 0.21 25.91 -6.79
CA MET A 38 -0.23 26.24 -8.14
C MET A 38 -1.27 25.21 -8.55
N TRP A 39 -1.99 25.52 -9.63
CA TRP A 39 -2.96 24.58 -10.18
C TRP A 39 -3.39 25.01 -11.58
N ALA A 40 -3.44 24.06 -12.51
CA ALA A 40 -3.83 24.32 -13.88
C ALA A 40 -5.05 23.48 -14.24
N HIS A 41 -5.99 24.09 -14.95
CA HIS A 41 -7.24 23.42 -15.34
C HIS A 41 -7.07 22.77 -16.71
N SER A 42 -6.17 21.79 -16.75
CA SER A 42 -5.93 21.01 -17.97
C SER A 42 -5.38 19.66 -17.53
N MET A 43 -6.16 18.60 -17.71
CA MET A 43 -5.83 17.28 -17.21
C MET A 43 -5.39 16.39 -18.36
N THR A 44 -4.13 15.96 -18.33
CA THR A 44 -3.60 15.00 -19.28
C THR A 44 -2.59 14.12 -18.57
N VAL A 45 -2.38 12.92 -19.10
CA VAL A 45 -1.44 11.99 -18.48
C VAL A 45 -0.03 12.57 -18.46
N GLN A 46 0.38 13.19 -19.58
CA GLN A 46 1.70 13.79 -19.63
C GLN A 46 1.83 14.93 -18.63
N ASP A 47 0.80 15.79 -18.55
CA ASP A 47 0.88 16.93 -17.65
C ASP A 47 1.02 16.49 -16.21
N TYR A 48 0.12 15.62 -15.74
CA TYR A 48 0.15 15.21 -14.34
C TYR A 48 1.38 14.36 -14.04
N GLN A 49 1.74 13.45 -14.95
CA GLN A 49 2.92 12.62 -14.70
C GLN A 49 4.18 13.48 -14.61
N ASP A 50 4.31 14.47 -15.49
CA ASP A 50 5.44 15.40 -15.37
C ASP A 50 5.39 16.17 -14.06
N LEU A 51 4.22 16.71 -13.72
CA LEU A 51 4.07 17.53 -12.51
C LEU A 51 4.21 16.73 -11.23
N ILE A 52 4.23 15.40 -11.30
CA ILE A 52 4.54 14.58 -10.13
C ILE A 52 5.90 13.91 -10.21
N ASP A 53 6.55 13.90 -11.37
CA ASP A 53 7.78 13.14 -11.56
C ASP A 53 9.02 14.03 -11.67
N ARG A 54 8.95 15.16 -12.36
CA ARG A 54 10.17 15.91 -12.66
C ARG A 54 10.92 16.24 -11.38
N GLY A 55 10.36 17.12 -10.57
CA GLY A 55 10.73 17.24 -9.17
C GLY A 55 9.64 17.99 -8.43
N TRP A 56 9.06 17.40 -7.40
CA TRP A 56 7.85 17.95 -6.81
C TRP A 56 7.66 17.39 -5.41
N ARG A 57 6.81 18.09 -4.65
CA ARG A 57 6.40 17.64 -3.31
C ARG A 57 5.17 18.44 -2.90
N ARG A 58 4.06 17.74 -2.64
CA ARG A 58 2.80 18.41 -2.35
C ARG A 58 2.13 17.75 -1.15
N SER A 59 1.31 18.54 -0.46
CA SER A 59 0.48 18.06 0.66
C SER A 59 -0.85 18.82 0.57
N GLY A 60 -1.83 18.23 -0.10
CA GLY A 60 -3.12 18.83 -0.27
C GLY A 60 -3.64 18.59 -1.67
N LYS A 61 -4.75 19.27 -1.98
CA LYS A 61 -5.38 19.17 -3.30
C LYS A 61 -4.83 20.24 -4.25
N TYR A 62 -3.52 20.32 -4.35
CA TYR A 62 -2.84 21.32 -5.17
C TYR A 62 -1.49 20.78 -5.58
N VAL A 63 -0.92 21.37 -6.62
CA VAL A 63 0.43 21.05 -7.07
C VAL A 63 1.36 22.16 -6.59
N TYR A 64 2.40 21.78 -5.86
CA TYR A 64 3.31 22.73 -5.24
C TYR A 64 4.72 22.52 -5.78
N LYS A 65 5.38 23.61 -6.14
CA LYS A 65 6.77 23.55 -6.60
C LYS A 65 7.69 23.65 -5.39
N PRO A 66 8.47 22.62 -5.07
CA PRO A 66 9.25 22.65 -3.83
C PRO A 66 10.61 23.32 -3.98
N VAL A 67 10.88 24.29 -3.11
CA VAL A 67 12.21 24.87 -2.94
C VAL A 67 12.55 24.67 -1.47
N MET A 68 13.22 23.57 -1.16
CA MET A 68 13.34 23.10 0.23
C MET A 68 14.79 22.68 0.51
N ASN A 69 15.61 23.65 0.94
CA ASN A 69 16.77 23.33 1.78
C ASN A 69 16.76 24.31 2.95
N GLN A 70 15.85 24.06 3.90
CA GLN A 70 15.92 24.68 5.22
C GLN A 70 14.99 23.88 6.12
N THR A 71 15.55 22.98 6.91
CA THR A 71 14.74 22.11 7.77
C THR A 71 15.68 21.27 8.62
N CYS A 72 15.08 20.50 9.53
CA CYS A 72 15.79 19.53 10.35
C CYS A 72 15.24 18.13 10.16
N CYS A 73 14.43 17.92 9.12
CA CYS A 73 13.74 16.65 8.89
C CYS A 73 13.96 16.25 7.43
N PRO A 74 14.86 15.29 7.17
CA PRO A 74 15.13 14.90 5.77
C PRO A 74 13.89 14.35 5.09
N GLN A 75 13.82 14.57 3.77
CA GLN A 75 12.71 14.13 2.96
C GLN A 75 13.25 13.44 1.70
N TYR A 76 12.47 12.48 1.19
CA TYR A 76 12.85 11.75 -0.01
C TYR A 76 11.63 10.99 -0.52
N THR A 77 11.68 10.64 -1.81
CA THR A 77 10.61 9.91 -2.47
C THR A 77 11.16 8.62 -3.06
N ILE A 78 10.40 7.54 -2.93
CA ILE A 78 10.81 6.21 -3.38
C ILE A 78 9.74 5.62 -4.27
N ARG A 79 10.17 4.99 -5.36
CA ARG A 79 9.28 4.30 -6.29
C ARG A 79 9.82 2.90 -6.52
N CYS A 80 8.90 1.93 -6.57
CA CYS A 80 9.25 0.52 -6.64
C CYS A 80 8.55 -0.13 -7.84
N ARG A 81 8.88 -1.41 -8.05
CA ARG A 81 8.26 -2.23 -9.08
C ARG A 81 7.81 -3.56 -8.49
N PRO A 82 6.83 -4.23 -9.10
CA PRO A 82 6.30 -5.48 -8.53
C PRO A 82 7.10 -6.73 -8.89
N LEU A 83 8.24 -6.60 -9.56
CA LEU A 83 8.96 -7.79 -10.03
C LEU A 83 9.65 -8.54 -8.90
N GLN A 84 9.93 -7.85 -7.78
CA GLN A 84 10.78 -8.41 -6.74
C GLN A 84 10.05 -8.69 -5.42
N PHE A 85 8.75 -8.38 -5.34
CA PHE A 85 8.03 -8.57 -4.08
C PHE A 85 7.73 -10.04 -3.84
N GLN A 86 8.01 -10.51 -2.63
CA GLN A 86 7.64 -11.84 -2.17
C GLN A 86 7.15 -11.75 -0.73
N PRO A 87 6.30 -12.68 -0.31
CA PRO A 87 5.79 -12.62 1.07
C PRO A 87 6.86 -12.94 2.10
N SER A 88 6.66 -12.44 3.31
CA SER A 88 7.55 -12.68 4.43
C SER A 88 6.73 -13.15 5.63
N LYS A 89 7.41 -13.40 6.74
CA LYS A 89 6.71 -13.88 7.93
C LYS A 89 5.71 -12.84 8.44
N SER A 90 6.11 -11.56 8.44
CA SER A 90 5.19 -10.52 8.88
C SER A 90 3.96 -10.46 7.96
N HIS A 91 4.18 -10.56 6.65
CA HIS A 91 3.06 -10.59 5.72
C HIS A 91 2.15 -11.78 6.00
N LYS A 92 2.74 -12.95 6.25
CA LYS A 92 1.96 -14.12 6.61
C LYS A 92 1.19 -13.89 7.91
N LYS A 93 1.84 -13.25 8.89
CA LYS A 93 1.17 -13.01 10.16
C LYS A 93 -0.04 -12.11 9.99
N VAL A 94 0.11 -11.02 9.25
CA VAL A 94 -1.02 -10.11 9.06
C VAL A 94 -2.12 -10.78 8.24
N LEU A 95 -1.74 -11.55 7.21
CA LEU A 95 -2.74 -12.25 6.41
C LEU A 95 -3.52 -13.24 7.26
N LYS A 96 -2.83 -14.00 8.10
CA LYS A 96 -3.51 -14.96 8.98
C LYS A 96 -4.40 -14.25 9.97
N LYS A 97 -3.93 -13.14 10.55
CA LYS A 97 -4.76 -12.39 11.47
C LYS A 97 -6.06 -11.95 10.80
N MET A 98 -5.94 -11.35 9.60
CA MET A 98 -7.12 -10.87 8.90
C MET A 98 -8.06 -12.02 8.56
N LEU A 99 -7.50 -13.12 8.05
CA LEU A 99 -8.33 -14.25 7.64
C LEU A 99 -9.07 -14.84 8.82
N LYS A 100 -8.36 -15.10 9.91
CA LYS A 100 -9.00 -15.67 11.09
C LYS A 100 -10.05 -14.74 11.66
N PHE A 101 -9.74 -13.44 11.75
CA PHE A 101 -10.74 -12.50 12.25
C PHE A 101 -11.99 -12.52 11.39
N LEU A 102 -11.82 -12.38 10.08
CA LEU A 102 -12.98 -12.33 9.18
C LEU A 102 -13.78 -13.63 9.24
N ALA A 103 -13.10 -14.76 9.37
CA ALA A 103 -13.80 -16.05 9.31
C ALA A 103 -14.51 -16.36 10.63
N LYS A 104 -13.75 -16.45 11.72
CA LYS A 104 -14.31 -16.93 12.98
C LYS A 104 -14.96 -15.82 13.81
N GLY A 105 -14.83 -14.56 13.40
CA GLY A 105 -15.46 -13.48 14.12
C GLY A 105 -14.84 -13.24 15.48
N GLU A 106 -15.04 -12.03 16.00
CA GLU A 106 -14.52 -11.67 17.30
C GLU A 106 -15.25 -10.46 17.86
N VAL A 107 -15.58 -10.49 19.14
CA VAL A 107 -16.28 -9.39 19.80
C VAL A 107 -15.50 -9.04 21.08
N PRO A 108 -14.36 -8.37 20.97
CA PRO A 108 -13.55 -8.08 22.15
C PRO A 108 -13.88 -6.74 22.78
N LYS A 109 -13.39 -6.58 24.01
CA LYS A 109 -13.55 -5.34 24.77
C LYS A 109 -12.20 -5.02 25.43
N GLY A 110 -11.49 -4.05 24.87
CA GLY A 110 -10.17 -3.72 25.40
C GLY A 110 -10.25 -3.01 26.74
N SER A 111 -9.17 -3.13 27.51
CA SER A 111 -9.05 -2.49 28.80
C SER A 111 -7.61 -2.03 29.00
N CYS A 112 -7.45 -1.01 29.83
CA CYS A 112 -6.14 -0.45 30.09
C CYS A 112 -5.36 -1.35 31.05
N GLU A 113 -4.03 -1.19 31.03
CA GLU A 113 -3.14 -1.96 31.88
C GLU A 113 -2.02 -1.07 32.38
N PRO A 204 18.68 -49.67 30.54
CA PRO A 204 18.60 -49.12 29.18
C PRO A 204 19.96 -49.11 28.52
N PRO A 205 20.02 -48.97 27.20
CA PRO A 205 21.30 -48.97 26.50
C PRO A 205 22.10 -47.70 26.78
N CYS A 206 23.41 -47.79 26.55
CA CYS A 206 24.33 -46.68 26.78
C CYS A 206 25.28 -46.58 25.60
N ARG A 207 25.86 -45.39 25.44
CA ARG A 207 26.77 -45.08 24.35
C ARG A 207 28.21 -45.03 24.87
N LYS A 208 29.14 -44.84 23.92
CA LYS A 208 30.56 -44.72 24.22
C LYS A 208 31.13 -43.51 23.50
N ALA A 209 32.23 -42.98 24.03
CA ALA A 209 32.80 -41.74 23.51
C ALA A 209 33.04 -41.83 22.00
N LYS A 210 33.74 -42.87 21.55
CA LYS A 210 33.95 -43.06 20.13
C LYS A 210 32.63 -43.24 19.39
N GLU A 211 31.72 -44.03 19.98
CA GLU A 211 30.41 -44.21 19.36
C GLU A 211 29.68 -42.90 19.21
N ILE A 212 29.55 -42.15 20.31
CA ILE A 212 28.80 -40.89 20.35
C ILE A 212 29.12 -40.05 19.11
N ARG A 213 30.39 -39.99 18.72
CA ARG A 213 30.77 -39.21 17.55
C ARG A 213 30.55 -40.01 16.27
N LYS A 214 31.33 -41.07 16.08
CA LYS A 214 31.42 -41.67 14.75
C LYS A 214 30.20 -42.52 14.43
N GLU A 215 29.74 -43.34 15.38
CA GLU A 215 28.61 -44.20 15.11
C GLU A 215 27.35 -43.37 14.86
N ARG A 216 27.19 -42.27 15.60
CA ARG A 216 25.99 -41.44 15.42
C ARG A 216 26.06 -40.65 14.12
N LYS A 217 27.23 -40.11 13.76
CA LYS A 217 27.33 -39.43 12.48
C LYS A 217 27.07 -40.40 11.33
N ARG A 218 27.63 -41.61 11.41
CA ARG A 218 27.39 -42.59 10.36
C ARG A 218 25.95 -43.06 10.36
N LEU A 219 25.31 -43.13 11.53
CA LEU A 219 23.90 -43.49 11.58
C LEU A 219 23.04 -42.45 10.89
N LYS A 220 23.32 -41.18 11.12
CA LYS A 220 22.60 -40.12 10.40
C LYS A 220 22.84 -40.25 8.89
N LEU A 221 24.10 -40.46 8.50
CA LEU A 221 24.43 -40.54 7.08
C LEU A 221 23.73 -41.73 6.42
N MET A 222 23.71 -42.88 7.08
CA MET A 222 23.09 -44.09 6.55
C MET A 222 21.60 -44.17 6.85
N GLN A 223 21.05 -43.18 7.52
CA GLN A 223 19.61 -42.98 7.52
C GLN A 223 19.17 -42.08 6.38
N GLN A 224 20.01 -41.11 6.01
CA GLN A 224 19.69 -40.25 4.87
C GLN A 224 19.86 -40.99 3.55
N ASN A 225 20.96 -41.73 3.40
CA ASN A 225 21.37 -42.23 2.08
C ASN A 225 20.57 -43.44 1.61
N PRO A 226 20.58 -44.56 2.34
CA PRO A 226 19.99 -45.79 1.77
C PRO A 226 18.48 -45.79 1.77
N ALA A 227 17.88 -45.14 0.78
CA ALA A 227 16.43 -45.12 0.64
C ALA A 227 16.10 -44.43 -0.68
N GLY A 228 15.00 -44.86 -1.29
CA GLY A 228 14.54 -44.23 -2.51
C GLY A 228 13.64 -43.05 -2.23
N GLU A 229 14.20 -41.85 -2.25
CA GLU A 229 13.47 -40.63 -1.92
C GLU A 229 13.96 -39.52 -2.85
N LEU A 230 13.20 -39.24 -3.91
CA LEU A 230 13.56 -38.21 -4.87
C LEU A 230 12.35 -37.90 -5.72
N GLU A 231 12.17 -36.61 -6.03
CA GLU A 231 11.08 -36.16 -6.88
C GLU A 231 11.60 -35.98 -8.31
N GLY A 232 10.90 -36.59 -9.26
CA GLY A 232 11.30 -36.53 -10.65
C GLY A 232 10.18 -36.09 -11.57
N PHE A 233 10.43 -35.06 -12.37
CA PHE A 233 9.43 -34.53 -13.29
C PHE A 233 10.14 -33.74 -14.37
N GLN A 234 10.05 -34.21 -15.61
CA GLN A 234 10.63 -33.49 -16.74
C GLN A 234 9.79 -33.81 -17.98
N ALA A 235 8.77 -32.97 -18.21
CA ALA A 235 7.95 -33.08 -19.41
C ALA A 235 7.33 -31.72 -19.67
N LEU A 242 6.51 -15.44 -20.40
CA LEU A 242 5.65 -15.22 -19.25
C LEU A 242 5.56 -16.54 -18.51
N PHE A 243 5.58 -16.53 -17.18
CA PHE A 243 5.38 -17.82 -16.51
C PHE A 243 5.00 -17.69 -15.05
N PRO A 244 3.90 -17.00 -14.70
CA PRO A 244 3.31 -17.20 -13.38
C PRO A 244 2.23 -18.26 -13.39
N PRO A 245 2.36 -19.35 -14.18
CA PRO A 245 1.73 -20.61 -13.78
C PRO A 245 2.69 -21.54 -13.07
N LYS A 246 2.29 -22.13 -11.95
CA LYS A 246 3.04 -23.25 -11.38
C LYS A 246 2.24 -23.95 -10.30
N ALA A 247 2.02 -25.26 -10.48
CA ALA A 247 1.58 -26.12 -9.37
C ALA A 247 2.22 -27.49 -9.56
N LYS A 248 3.45 -27.65 -9.05
CA LYS A 248 4.03 -28.97 -8.86
C LYS A 248 5.16 -28.81 -7.85
N SER A 249 4.88 -29.07 -6.58
CA SER A 249 5.88 -29.01 -5.54
C SER A 249 5.24 -29.35 -4.21
N ASN A 250 6.07 -29.74 -3.25
CA ASN A 250 5.68 -29.79 -1.84
C ASN A 250 6.12 -28.51 -1.14
N GLN A 251 5.64 -27.38 -1.67
CA GLN A 251 6.10 -26.07 -1.27
C GLN A 251 4.91 -25.14 -1.09
N PRO A 252 4.99 -24.18 -0.17
CA PRO A 252 3.94 -23.16 -0.08
C PRO A 252 3.88 -22.30 -1.34
N LYS A 253 2.68 -21.82 -1.65
CA LYS A 253 2.43 -21.04 -2.85
C LYS A 253 2.27 -19.56 -2.48
N SER A 254 2.10 -18.73 -3.51
CA SER A 254 2.09 -17.30 -3.35
C SER A 254 0.75 -16.82 -2.77
N LEU A 255 0.64 -15.51 -2.60
CA LEU A 255 -0.56 -14.88 -2.04
C LEU A 255 -1.70 -14.81 -3.03
N GLU A 256 -1.46 -15.03 -4.32
CA GLU A 256 -2.50 -14.86 -5.33
C GLU A 256 -3.69 -15.76 -5.04
N ASP A 257 -3.45 -17.02 -4.69
CA ASP A 257 -4.55 -17.94 -4.41
C ASP A 257 -5.32 -17.53 -3.17
N LEU A 258 -4.65 -16.94 -2.19
CA LEU A 258 -5.30 -16.57 -0.94
C LEU A 258 -6.03 -15.23 -1.00
N ILE A 259 -5.95 -14.52 -2.14
CA ILE A 259 -6.68 -13.27 -2.26
C ILE A 259 -8.18 -13.50 -2.12
N PHE A 260 -8.67 -14.62 -2.66
CA PHE A 260 -10.07 -14.99 -2.56
C PHE A 260 -10.23 -16.08 -1.50
N GLU A 261 -11.19 -15.90 -0.60
CA GLU A 261 -11.38 -16.79 0.53
C GLU A 261 -12.39 -17.88 0.20
N SER A 262 -12.48 -18.85 1.10
CA SER A 262 -13.45 -19.94 1.01
C SER A 262 -14.32 -19.93 2.25
N LEU A 263 -15.61 -20.21 2.06
CA LEU A 263 -16.58 -20.13 3.13
C LEU A 263 -17.12 -21.51 3.48
N PRO A 264 -17.51 -21.75 4.74
CA PRO A 264 -18.07 -23.06 5.10
C PRO A 264 -19.53 -23.20 4.72
N GLU A 265 -20.17 -24.28 5.17
CA GLU A 265 -21.58 -24.54 4.85
C GLU A 265 -22.45 -23.64 5.72
N ASN A 266 -22.45 -22.35 5.39
CA ASN A 266 -23.27 -21.37 6.10
C ASN A 266 -23.46 -20.17 5.17
N ALA A 267 -24.47 -19.35 5.49
CA ALA A 267 -24.75 -18.14 4.72
C ALA A 267 -24.80 -16.96 5.68
N SER A 268 -23.62 -16.45 6.04
CA SER A 268 -23.51 -15.13 6.67
C SER A 268 -22.07 -14.66 6.42
N HIS A 269 -21.89 -13.83 5.40
CA HIS A 269 -20.58 -13.34 5.02
C HIS A 269 -20.75 -12.42 3.81
N LYS A 270 -19.66 -11.72 3.48
CA LYS A 270 -19.63 -10.95 2.24
C LYS A 270 -18.19 -10.54 1.91
N LEU A 271 -17.72 -10.90 0.72
CA LEU A 271 -16.44 -10.45 0.21
C LEU A 271 -16.62 -10.08 -1.26
N GLU A 272 -16.15 -8.89 -1.63
CA GLU A 272 -16.36 -8.39 -2.97
C GLU A 272 -15.56 -7.10 -3.15
N VAL A 273 -15.12 -6.87 -4.39
CA VAL A 273 -14.48 -5.62 -4.79
C VAL A 273 -15.22 -5.17 -6.04
N ARG A 274 -16.20 -4.29 -5.86
CA ARG A 274 -17.11 -3.89 -6.92
C ARG A 274 -16.66 -2.58 -7.54
N LEU A 275 -16.76 -2.50 -8.87
CA LEU A 275 -16.39 -1.30 -9.59
C LEU A 275 -17.44 -0.21 -9.38
N VAL A 276 -16.99 1.04 -9.51
CA VAL A 276 -17.83 2.21 -9.25
C VAL A 276 -18.05 2.95 -10.56
N PRO A 277 -19.27 3.03 -11.09
CA PRO A 277 -19.51 3.88 -12.27
C PRO A 277 -19.51 5.35 -11.89
N VAL A 278 -18.33 5.97 -11.88
CA VAL A 278 -18.15 7.26 -11.24
C VAL A 278 -19.00 8.32 -11.94
N SER A 279 -20.06 8.74 -11.27
CA SER A 279 -20.94 9.80 -11.75
C SER A 279 -21.81 10.22 -10.58
N PHE A 280 -21.78 11.50 -10.21
CA PHE A 280 -22.40 11.92 -8.97
C PHE A 280 -23.91 11.90 -9.05
N GLU A 281 -24.49 10.71 -9.24
CA GLU A 281 -25.93 10.50 -9.10
C GLU A 281 -26.12 9.04 -8.64
N ASP A 282 -26.16 8.85 -7.33
CA ASP A 282 -26.30 7.54 -6.73
C ASP A 282 -26.59 7.72 -5.24
N PRO A 283 -27.25 6.74 -4.62
CA PRO A 283 -27.48 6.82 -3.16
C PRO A 283 -26.25 6.43 -2.36
N GLU A 284 -25.46 5.49 -2.89
CA GLU A 284 -24.28 5.03 -2.16
C GLU A 284 -23.27 6.15 -1.95
N PHE A 285 -23.08 6.98 -2.97
CA PHE A 285 -22.13 8.08 -2.83
C PHE A 285 -22.56 9.04 -1.72
N LYS A 286 -23.85 9.33 -1.62
CA LYS A 286 -24.33 10.25 -0.60
C LYS A 286 -24.05 9.72 0.80
N SER A 287 -24.32 8.43 1.04
CA SER A 287 -24.04 7.85 2.34
C SER A 287 -22.55 7.79 2.61
N SER A 288 -21.76 7.45 1.59
CA SER A 288 -20.31 7.38 1.75
C SER A 288 -19.74 8.75 2.10
N PHE A 289 -20.34 9.82 1.58
CA PHE A 289 -19.90 11.17 1.93
C PHE A 289 -19.95 11.37 3.44
N SER A 290 -21.11 11.10 4.04
CA SER A 290 -21.25 11.28 5.48
C SER A 290 -20.35 10.32 6.25
N GLN A 291 -20.26 9.08 5.80
CA GLN A 291 -19.43 8.10 6.50
C GLN A 291 -17.97 8.55 6.53
N SER A 292 -17.43 8.93 5.37
CA SER A 292 -16.05 9.40 5.31
C SER A 292 -15.87 10.69 6.10
N PHE A 293 -16.84 11.61 6.04
CA PHE A 293 -16.76 12.83 6.81
C PHE A 293 -16.59 12.52 8.30
N SER A 294 -17.49 11.69 8.84
CA SER A 294 -17.41 11.35 10.25
C SER A 294 -16.10 10.63 10.57
N LEU A 295 -15.72 9.67 9.74
CA LEU A 295 -14.52 8.90 10.03
C LEU A 295 -13.28 9.80 10.08
N TYR A 296 -13.11 10.66 9.07
CA TYR A 296 -11.90 11.46 9.02
C TYR A 296 -11.91 12.58 10.04
N VAL A 297 -13.08 13.17 10.33
CA VAL A 297 -13.10 14.18 11.38
C VAL A 297 -12.78 13.56 12.73
N LYS A 298 -13.30 12.36 13.00
CA LYS A 298 -12.96 11.68 14.26
C LYS A 298 -11.48 11.35 14.31
N TYR A 299 -10.91 10.88 13.19
CA TYR A 299 -9.49 10.57 13.16
C TYR A 299 -8.64 11.81 13.41
N GLN A 300 -9.01 12.93 12.78
CA GLN A 300 -8.28 14.17 13.00
C GLN A 300 -8.37 14.60 14.46
N VAL A 301 -9.57 14.53 15.05
CA VAL A 301 -9.72 14.92 16.45
C VAL A 301 -8.86 14.04 17.34
N ALA A 302 -8.84 12.74 17.06
CA ALA A 302 -8.06 11.81 17.90
C ALA A 302 -6.56 12.07 17.78
N ILE A 303 -6.06 12.15 16.55
CA ILE A 303 -4.61 12.27 16.36
C ILE A 303 -4.12 13.64 16.81
N HIS A 304 -4.81 14.70 16.41
CA HIS A 304 -4.46 16.06 16.83
C HIS A 304 -5.62 17.00 16.53
N GLN A 305 -6.08 17.72 17.56
CA GLN A 305 -7.27 18.54 17.40
C GLN A 305 -7.11 19.55 16.28
N ASP A 306 -8.11 19.60 15.40
CA ASP A 306 -8.16 20.53 14.29
C ASP A 306 -9.58 21.06 14.21
N PRO A 307 -9.77 22.38 14.07
CA PRO A 307 -11.13 22.93 14.11
C PRO A 307 -12.02 22.31 13.06
N PRO A 308 -13.05 21.57 13.46
CA PRO A 308 -13.98 20.97 12.49
C PRO A 308 -15.12 21.86 12.07
N ASP A 309 -15.16 23.12 12.51
CA ASP A 309 -16.24 24.03 12.17
C ASP A 309 -16.20 24.48 10.71
N GLU A 310 -15.15 24.14 9.98
CA GLU A 310 -15.01 24.54 8.58
C GLU A 310 -15.78 23.63 7.64
N CYS A 311 -16.46 22.60 8.15
CA CYS A 311 -17.12 21.63 7.30
C CYS A 311 -18.37 22.22 6.64
N GLY A 312 -18.20 22.75 5.43
CA GLY A 312 -19.29 23.24 4.63
C GLY A 312 -19.42 22.46 3.32
N LYS A 313 -20.37 22.93 2.50
CA LYS A 313 -20.59 22.28 1.21
C LYS A 313 -19.35 22.36 0.33
N THR A 314 -18.80 23.56 0.17
CA THR A 314 -17.61 23.71 -0.67
C THR A 314 -16.41 23.03 -0.05
N GLU A 315 -16.24 23.15 1.27
CA GLU A 315 -15.08 22.54 1.93
C GLU A 315 -15.08 21.03 1.75
N PHE A 316 -16.19 20.37 2.07
CA PHE A 316 -16.27 18.93 1.91
C PHE A 316 -16.15 18.53 0.45
N THR A 317 -16.75 19.32 -0.45
CA THR A 317 -16.65 19.01 -1.88
C THR A 317 -15.19 18.99 -2.33
N ARG A 318 -14.43 20.04 -2.00
CA ARG A 318 -13.03 20.05 -2.38
C ARG A 318 -12.23 18.98 -1.64
N PHE A 319 -12.64 18.64 -0.42
CA PHE A 319 -11.90 17.66 0.36
C PHE A 319 -12.02 16.27 -0.25
N LEU A 320 -13.23 15.88 -0.64
CA LEU A 320 -13.50 14.51 -1.08
C LEU A 320 -13.87 14.43 -2.56
N CYS A 321 -14.91 15.14 -2.99
CA CYS A 321 -15.40 14.97 -4.35
C CYS A 321 -14.38 15.45 -5.38
N SER A 322 -13.75 16.60 -5.13
CA SER A 322 -12.82 17.16 -6.10
C SER A 322 -11.57 16.31 -6.20
N SER A 323 -11.09 16.12 -7.42
CA SER A 323 -9.87 15.36 -7.67
C SER A 323 -9.49 15.48 -9.15
N PRO A 324 -8.20 15.42 -9.49
CA PRO A 324 -7.82 15.44 -10.90
C PRO A 324 -8.20 14.14 -11.60
N LEU A 325 -9.23 14.19 -12.44
CA LEU A 325 -9.76 12.99 -13.07
C LEU A 325 -10.05 13.29 -14.54
N GLU A 326 -9.96 12.25 -15.36
CA GLU A 326 -10.29 12.34 -16.78
C GLU A 326 -10.73 10.98 -17.28
N ALA A 327 -11.46 10.99 -18.38
CA ALA A 327 -11.94 9.76 -19.00
C ALA A 327 -10.86 9.13 -19.86
N GLU A 328 -11.00 7.83 -20.09
CA GLU A 328 -10.06 7.06 -20.90
C GLU A 328 -10.75 6.56 -22.15
N THR A 329 -10.13 6.81 -23.31
CA THR A 329 -10.66 6.36 -24.58
C THR A 329 -9.82 5.19 -25.09
N PRO A 330 -10.33 3.96 -25.06
CA PRO A 330 -9.50 2.82 -25.45
C PRO A 330 -9.51 2.64 -26.96
N PRO A 331 -8.33 2.67 -27.62
CA PRO A 331 -8.24 2.38 -29.06
C PRO A 331 -8.03 0.89 -29.36
N ASN A 332 -8.89 0.06 -28.79
CA ASN A 332 -8.79 -1.39 -28.95
C ASN A 332 -10.20 -1.97 -28.93
N GLY A 333 -10.27 -3.28 -29.10
CA GLY A 333 -11.49 -4.01 -28.86
C GLY A 333 -11.49 -4.58 -27.45
N PRO A 334 -12.09 -3.86 -26.50
CA PRO A 334 -11.90 -4.22 -25.09
C PRO A 334 -12.96 -5.15 -24.53
N ASP A 335 -12.52 -6.11 -23.71
CA ASP A 335 -13.39 -6.87 -22.81
C ASP A 335 -12.74 -6.80 -21.44
N CYS A 336 -12.98 -5.70 -20.74
CA CYS A 336 -12.34 -5.43 -19.45
C CYS A 336 -12.86 -4.10 -18.94
N GLY A 337 -12.50 -3.78 -17.71
CA GLY A 337 -12.89 -2.52 -17.08
C GLY A 337 -11.68 -1.67 -16.77
N TYR A 338 -11.83 -0.36 -16.96
CA TYR A 338 -10.75 0.59 -16.75
C TYR A 338 -10.86 1.18 -15.35
N GLY A 339 -9.76 1.16 -14.62
CA GLY A 339 -9.80 1.38 -13.19
C GLY A 339 -9.66 2.83 -12.73
N SER A 340 -10.80 3.48 -12.47
CA SER A 340 -10.84 4.71 -11.69
C SER A 340 -12.06 4.58 -10.78
N PHE A 341 -11.86 3.97 -9.61
CA PHE A 341 -12.95 3.53 -8.75
C PHE A 341 -12.58 3.75 -7.30
N HIS A 342 -13.38 3.15 -6.41
CA HIS A 342 -13.14 3.17 -4.98
C HIS A 342 -13.14 1.73 -4.46
N GLN A 343 -12.40 1.50 -3.38
CA GLN A 343 -12.32 0.20 -2.74
C GLN A 343 -13.07 0.23 -1.42
N GLN A 344 -13.82 -0.83 -1.15
CA GLN A 344 -14.69 -0.91 0.01
C GLN A 344 -14.25 -2.04 0.93
N TYR A 345 -14.71 -1.94 2.19
CA TYR A 345 -14.47 -2.97 3.19
C TYR A 345 -15.80 -3.43 3.75
N TRP A 346 -15.84 -4.69 4.19
CA TRP A 346 -17.07 -5.34 4.60
C TRP A 346 -17.05 -5.58 6.10
N LEU A 347 -18.11 -5.15 6.76
CA LEU A 347 -18.21 -5.17 8.22
C LEU A 347 -19.68 -5.36 8.59
N ASP A 348 -20.03 -5.04 9.82
CA ASP A 348 -21.43 -5.07 10.24
C ASP A 348 -22.16 -3.97 9.48
N GLY A 349 -23.43 -3.73 9.79
CA GLY A 349 -24.28 -2.98 8.89
C GLY A 349 -23.88 -1.53 8.69
N LYS A 350 -22.64 -1.32 8.25
CA LYS A 350 -22.18 -0.02 7.80
C LYS A 350 -20.92 -0.26 6.96
N ILE A 351 -20.98 0.07 5.68
CA ILE A 351 -19.93 -0.28 4.73
C ILE A 351 -18.97 0.88 4.59
N ILE A 352 -17.68 0.55 4.43
CA ILE A 352 -16.63 1.55 4.31
C ILE A 352 -16.22 1.64 2.85
N ALA A 353 -15.60 2.76 2.50
CA ALA A 353 -15.11 2.98 1.13
C ALA A 353 -13.79 3.73 1.22
N VAL A 354 -12.69 3.03 0.93
CA VAL A 354 -11.36 3.62 1.01
C VAL A 354 -10.54 3.20 -0.21
N GLY A 355 -10.45 4.08 -1.20
CA GLY A 355 -9.63 3.84 -2.37
C GLY A 355 -9.74 4.98 -3.36
N VAL A 356 -8.62 5.47 -3.88
CA VAL A 356 -8.60 6.62 -4.76
C VAL A 356 -7.45 6.45 -5.75
N ILE A 357 -7.79 6.26 -7.02
CA ILE A 357 -6.80 6.22 -8.10
C ILE A 357 -7.50 6.43 -9.42
N ASP A 358 -6.87 7.19 -10.32
CA ASP A 358 -7.33 7.39 -11.68
C ASP A 358 -6.23 6.91 -12.63
N ILE A 359 -6.59 6.06 -13.58
CA ILE A 359 -5.62 5.34 -14.39
C ILE A 359 -5.96 5.56 -15.86
N LEU A 360 -5.31 6.54 -16.49
CA LEU A 360 -5.10 6.49 -17.92
C LEU A 360 -4.04 5.44 -18.20
N PRO A 361 -3.98 4.90 -19.43
CA PRO A 361 -3.20 3.68 -19.60
C PRO A 361 -1.69 3.91 -19.64
N ASN A 362 -1.20 4.83 -18.80
CA ASN A 362 0.14 4.76 -18.24
C ASN A 362 0.11 5.54 -16.93
N CYS A 363 -0.21 4.85 -15.83
CA CYS A 363 -0.25 5.49 -14.54
C CYS A 363 -0.50 4.46 -13.45
N VAL A 364 0.27 4.54 -12.37
CA VAL A 364 -0.04 3.82 -11.14
C VAL A 364 0.32 4.70 -9.96
N SER A 365 -0.68 5.32 -9.33
CA SER A 365 -0.45 6.21 -8.21
C SER A 365 -1.69 6.23 -7.33
N SER A 366 -1.52 5.91 -6.05
CA SER A 366 -2.60 5.90 -5.08
C SER A 366 -2.31 6.90 -3.97
N VAL A 367 -3.34 7.62 -3.54
CA VAL A 367 -3.22 8.64 -2.51
C VAL A 367 -3.72 8.07 -1.19
N TYR A 368 -3.11 8.51 -0.10
CA TYR A 368 -3.46 8.01 1.22
C TYR A 368 -4.89 8.39 1.59
N LEU A 369 -5.49 7.60 2.47
CA LEU A 369 -6.83 7.87 2.97
C LEU A 369 -6.86 7.57 4.46
N TYR A 370 -7.88 8.11 5.12
CA TYR A 370 -7.96 8.11 6.58
C TYR A 370 -8.64 6.85 7.09
N TYR A 371 -8.45 6.59 8.39
CA TYR A 371 -8.97 5.39 9.03
C TYR A 371 -9.46 5.74 10.43
N ASP A 372 -10.42 4.95 10.92
CA ASP A 372 -10.90 5.07 12.29
C ASP A 372 -9.86 4.52 13.26
N PRO A 373 -9.81 5.03 14.49
CA PRO A 373 -8.82 4.50 15.45
C PRO A 373 -8.90 3.00 15.65
N ASP A 374 -10.08 2.39 15.48
CA ASP A 374 -10.17 0.93 15.56
C ASP A 374 -9.25 0.27 14.55
N TYR A 375 -9.07 0.88 13.38
CA TYR A 375 -8.23 0.31 12.34
C TYR A 375 -6.80 0.09 12.83
N SER A 376 -6.39 0.81 13.88
CA SER A 376 -5.04 0.65 14.40
C SER A 376 -4.77 -0.77 14.85
N PHE A 377 -5.82 -1.56 15.16
CA PHE A 377 -5.61 -2.90 15.67
C PHE A 377 -6.51 -3.96 15.04
N LEU A 378 -7.37 -3.59 14.09
CA LEU A 378 -8.22 -4.55 13.39
C LEU A 378 -8.10 -4.49 11.88
N SER A 379 -7.56 -3.42 11.32
CA SER A 379 -7.54 -3.23 9.88
C SER A 379 -6.28 -3.84 9.27
N LEU A 380 -6.15 -3.64 7.96
CA LEU A 380 -5.01 -4.10 7.17
C LEU A 380 -4.56 -3.01 6.20
N GLY A 381 -4.47 -1.77 6.71
CA GLY A 381 -4.21 -0.64 5.83
C GLY A 381 -2.94 -0.80 5.02
N VAL A 382 -1.87 -1.27 5.65
CA VAL A 382 -0.63 -1.49 4.92
C VAL A 382 -0.84 -2.57 3.85
N TYR A 383 -1.55 -3.64 4.21
CA TYR A 383 -1.84 -4.70 3.25
C TYR A 383 -2.78 -4.23 2.14
N SER A 384 -3.46 -3.10 2.33
CA SER A 384 -4.31 -2.58 1.27
C SER A 384 -3.50 -2.23 0.03
N ALA A 385 -2.30 -1.67 0.23
CA ALA A 385 -1.43 -1.36 -0.90
C ALA A 385 -1.04 -2.62 -1.64
N LEU A 386 -0.70 -3.69 -0.92
CA LEU A 386 -0.38 -4.96 -1.57
C LEU A 386 -1.57 -5.51 -2.32
N ARG A 387 -2.77 -5.40 -1.74
CA ARG A 387 -3.96 -5.89 -2.41
C ARG A 387 -4.22 -5.12 -3.71
N GLU A 388 -4.05 -3.79 -3.67
CA GLU A 388 -4.26 -3.00 -4.87
C GLU A 388 -3.19 -3.30 -5.92
N ILE A 389 -1.95 -3.57 -5.48
CA ILE A 389 -0.90 -3.92 -6.43
C ILE A 389 -1.23 -5.27 -7.07
N ALA A 390 -1.75 -6.21 -6.29
CA ALA A 390 -2.17 -7.50 -6.86
C ALA A 390 -3.31 -7.30 -7.86
N PHE A 391 -4.26 -6.42 -7.55
CA PHE A 391 -5.35 -6.16 -8.49
C PHE A 391 -4.82 -5.56 -9.79
N THR A 392 -3.89 -4.61 -9.69
CA THR A 392 -3.30 -4.03 -10.89
C THR A 392 -2.54 -5.09 -11.69
N ARG A 393 -1.81 -5.96 -11.01
CA ARG A 393 -1.11 -7.05 -11.69
C ARG A 393 -2.09 -7.94 -12.42
N GLN A 394 -3.21 -8.28 -11.77
CA GLN A 394 -4.21 -9.13 -12.40
C GLN A 394 -4.80 -8.49 -13.64
N LEU A 395 -5.12 -7.19 -13.55
CA LEU A 395 -5.72 -6.51 -14.70
C LEU A 395 -4.71 -6.21 -15.80
N HIS A 396 -3.42 -6.19 -15.49
CA HIS A 396 -2.39 -5.92 -16.49
C HIS A 396 -1.82 -7.17 -17.14
N GLU A 397 -1.91 -8.32 -16.46
CA GLU A 397 -1.26 -9.53 -16.97
C GLU A 397 -1.81 -9.95 -18.32
N LYS A 398 -3.06 -9.62 -18.62
CA LYS A 398 -3.70 -10.15 -19.83
C LYS A 398 -2.93 -9.75 -21.09
N THR A 399 -2.92 -8.45 -21.41
CA THR A 399 -2.19 -7.96 -22.58
C THR A 399 -1.92 -6.48 -22.35
N SER A 400 -0.70 -6.15 -21.92
CA SER A 400 -0.32 -4.76 -21.70
C SER A 400 1.15 -4.72 -21.27
N GLN A 401 1.74 -3.53 -21.36
CA GLN A 401 3.08 -3.26 -20.88
C GLN A 401 2.98 -2.21 -19.80
N LEU A 402 3.17 -2.63 -18.55
CA LEU A 402 3.01 -1.72 -17.41
C LEU A 402 3.86 -2.23 -16.26
N SER A 403 4.88 -1.45 -15.87
CA SER A 403 5.66 -1.69 -14.66
C SER A 403 5.69 -0.35 -13.93
N TYR A 404 4.64 -0.07 -13.16
CA TYR A 404 4.45 1.25 -12.55
C TYR A 404 3.94 1.06 -11.14
N TYR A 405 4.71 1.56 -10.16
CA TYR A 405 4.25 1.62 -8.77
C TYR A 405 4.97 2.79 -8.12
N TYR A 406 4.32 3.95 -8.09
CA TYR A 406 4.93 5.20 -7.66
C TYR A 406 4.15 5.75 -6.46
N MET A 407 4.67 5.52 -5.25
CA MET A 407 4.10 6.11 -4.05
C MET A 407 5.20 6.18 -3.01
N GLY A 408 5.70 7.39 -2.73
CA GLY A 408 6.74 7.56 -1.75
C GLY A 408 6.79 8.95 -1.16
N PHE A 409 6.75 9.01 0.18
CA PHE A 409 6.90 10.27 0.90
C PHE A 409 7.32 9.93 2.32
N TYR A 410 8.53 10.32 2.70
CA TYR A 410 9.09 9.91 3.98
C TYR A 410 9.76 11.10 4.66
N ILE A 411 9.48 11.27 5.93
CA ILE A 411 10.26 12.12 6.83
C ILE A 411 10.91 11.17 7.82
N HIS A 412 12.15 10.75 7.51
CA HIS A 412 12.77 9.60 8.14
C HIS A 412 13.93 10.04 9.03
N SER A 413 13.72 9.96 10.35
CA SER A 413 14.79 9.86 11.34
C SER A 413 14.33 8.80 12.33
N CYS A 414 14.51 7.53 11.97
CA CYS A 414 14.02 6.42 12.77
C CYS A 414 14.32 5.10 12.06
N PRO A 415 14.11 3.96 12.72
CA PRO A 415 14.24 2.67 12.03
C PRO A 415 13.03 2.25 11.21
N LYS A 416 12.07 3.15 11.00
CA LYS A 416 10.87 2.78 10.25
C LYS A 416 11.13 2.72 8.74
N MET A 417 12.00 3.58 8.23
CA MET A 417 12.17 3.66 6.78
C MET A 417 12.74 2.37 6.20
N LYS A 418 13.53 1.62 6.98
CA LYS A 418 14.00 0.33 6.48
C LYS A 418 12.84 -0.63 6.27
N TYR A 419 11.89 -0.67 7.22
CA TYR A 419 10.71 -1.49 7.04
C TYR A 419 9.88 -1.01 5.85
N LYS A 420 9.75 0.31 5.69
CA LYS A 420 9.02 0.84 4.56
C LYS A 420 9.66 0.43 3.24
N GLY A 421 10.99 0.49 3.15
CA GLY A 421 11.71 0.13 1.95
C GLY A 421 11.89 -1.34 1.73
N GLN A 422 11.57 -2.18 2.73
CA GLN A 422 11.59 -3.62 2.53
C GLN A 422 10.91 -4.05 1.24
N TYR A 423 9.99 -3.24 0.71
CA TYR A 423 9.38 -3.54 -0.57
C TYR A 423 10.43 -3.61 -1.67
N ARG A 424 11.59 -2.98 -1.46
CA ARG A 424 12.72 -3.02 -2.39
C ARG A 424 13.19 -4.47 -2.50
N PRO A 425 14.14 -4.79 -3.41
CA PRO A 425 14.91 -3.91 -4.29
C PRO A 425 14.10 -3.27 -5.41
N SER A 426 14.55 -2.13 -5.93
CA SER A 426 13.89 -1.45 -7.03
C SER A 426 14.88 -0.48 -7.67
N ASP A 427 14.54 -0.02 -8.87
CA ASP A 427 15.38 0.94 -9.57
C ASP A 427 15.22 2.32 -8.93
N LEU A 428 16.32 3.07 -8.89
CA LEU A 428 16.36 4.40 -8.32
C LEU A 428 16.66 5.43 -9.41
N LEU A 429 16.44 6.70 -9.08
CA LEU A 429 16.78 7.77 -10.01
C LEU A 429 16.77 9.13 -9.31
N CYS A 430 17.85 9.88 -9.44
CA CYS A 430 17.94 11.27 -9.06
C CYS A 430 17.83 12.14 -10.30
N PRO A 431 17.46 13.42 -10.16
CA PRO A 431 17.23 14.23 -11.37
C PRO A 431 18.52 14.70 -12.03
N GLU A 432 19.52 13.82 -12.09
CA GLU A 432 20.63 13.94 -13.04
C GLU A 432 21.14 12.52 -13.27
N THR A 433 20.59 11.84 -14.27
CA THR A 433 20.94 10.46 -14.53
C THR A 433 20.21 9.92 -15.76
N TYR A 434 20.80 8.94 -16.43
CA TYR A 434 20.13 8.28 -17.55
C TYR A 434 20.37 6.77 -17.55
N VAL A 435 20.78 6.20 -16.42
CA VAL A 435 21.00 4.76 -16.28
C VAL A 435 20.22 4.28 -15.07
N TRP A 436 19.45 3.21 -15.23
CA TRP A 436 18.64 2.65 -14.15
C TRP A 436 19.55 1.81 -13.25
N VAL A 437 19.89 2.35 -12.09
CA VAL A 437 20.77 1.68 -11.14
C VAL A 437 19.90 1.03 -10.06
N PRO A 438 20.20 -0.21 -9.65
CA PRO A 438 19.42 -0.80 -8.55
C PRO A 438 19.63 -0.05 -7.25
N ILE A 439 18.61 -0.09 -6.38
CA ILE A 439 18.64 0.65 -5.14
C ILE A 439 19.84 0.28 -4.28
N GLU A 440 20.45 -0.89 -4.52
CA GLU A 440 21.58 -1.32 -3.71
C GLU A 440 22.69 -0.28 -3.72
N GLN A 441 22.99 0.30 -4.88
CA GLN A 441 24.04 1.31 -4.95
C GLN A 441 23.69 2.54 -4.12
N CYS A 442 22.43 2.97 -4.16
CA CYS A 442 22.00 4.12 -3.38
C CYS A 442 21.69 3.79 -1.94
N LEU A 443 21.62 2.51 -1.58
CA LEU A 443 21.32 2.12 -0.21
C LEU A 443 22.24 2.81 0.78
N PRO A 444 23.56 2.59 0.71
CA PRO A 444 24.43 3.13 1.77
C PRO A 444 24.34 4.64 1.89
N SER A 445 24.70 5.36 0.83
CA SER A 445 24.97 6.79 0.94
C SER A 445 23.85 7.54 1.62
N LEU A 446 22.61 7.31 1.19
CA LEU A 446 21.45 8.02 1.74
C LEU A 446 20.80 7.27 2.89
N GLU A 447 20.57 5.97 2.73
CA GLU A 447 19.81 5.23 3.72
C GLU A 447 20.56 5.13 5.06
N ASN A 448 21.83 4.72 5.03
CA ASN A 448 22.52 4.40 6.28
C ASN A 448 22.65 5.64 7.16
N ASP B 1 4.03 7.09 6.59
CA ASP B 1 4.66 8.44 6.60
C ASP B 1 4.43 9.13 7.95
N ASP B 2 5.19 10.20 8.18
CA ASP B 2 5.08 10.97 9.42
C ASP B 2 5.19 12.44 9.09
N ILE B 3 4.13 13.20 9.35
CA ILE B 3 4.12 14.63 9.08
C ILE B 3 3.06 15.30 9.95
N ALA B 4 3.42 16.42 10.58
CA ALA B 4 2.49 17.17 11.42
C ALA B 4 1.70 18.20 10.64
N ALA B 5 2.20 18.64 9.48
CA ALA B 5 1.46 19.61 8.69
C ALA B 5 0.14 19.02 8.17
N LEU B 6 0.16 17.75 7.77
CA LEU B 6 -1.03 17.13 7.22
C LEU B 6 -2.15 17.08 8.25
N VAL B 7 -1.84 16.67 9.48
CA VAL B 7 -2.87 16.48 10.49
C VAL B 7 -3.52 17.81 10.85
N VAL B 8 -2.73 18.87 10.99
CA VAL B 8 -3.23 20.20 11.32
C VAL B 8 -2.97 21.10 10.14
N ASP B 9 -4.05 21.54 9.48
CA ASP B 9 -3.94 22.42 8.32
C ASP B 9 -5.31 22.97 7.99
N ASN B 10 -5.37 24.25 7.65
CA ASN B 10 -6.62 24.91 7.27
C ASN B 10 -6.77 24.89 5.76
N GLY B 11 -6.89 23.68 5.23
CA GLY B 11 -7.03 23.50 3.79
C GLY B 11 -7.56 22.12 3.47
N SER B 12 -7.97 21.95 2.22
CA SER B 12 -8.51 20.69 1.74
C SER B 12 -8.50 20.63 0.22
ZN ZN D . 11.83 19.09 12.62
#